data_5HTL
#
_entry.id   5HTL
#
_cell.length_a   52.852
_cell.length_b   61.862
_cell.length_c   75.621
_cell.angle_alpha   90.00
_cell.angle_beta   90.00
_cell.angle_gamma   90.00
#
_symmetry.space_group_name_H-M   'P 21 21 21'
#
loop_
_entity.id
_entity.type
_entity.pdbx_description
1 polymer 'MSHA biogenesis protein MshE'
2 non-polymer "9,9'-[(2R,3R,3aS,5S,7aR,9R,10R,10aS,12S,14aR)-3,5,10,12-tetrahydroxy-5,12-dioxidooctahydro-2H,7H-difuro[3,2-d:3',2'-j][1,3,7,9,2,8]tetraoxadiphosphacyclododecine-2,9-diyl]bis(2-amino-1,9-dihydro-6H-purin-6-one)"
3 water water
#
_entity_poly.entity_id   1
_entity_poly.type   'polypeptide(L)'
_entity_poly.pdbx_seq_one_letter_code
;(MSE)PINKLRKRLGDLLVEEGIVSEAQLEQALNAQKNTGRRLGDTLISLGFLSETQLLNFLAQQLSLPVIDLSRAHVDI
DAVPLLPEVHARRLRALVIGRSGDTLRIA(MSE)SDPADLFAQEALLNQLPDYGFEFVIAPEKQLVDGFDRYY
;
_entity_poly.pdbx_strand_id   A,B
#
# COMPACT_ATOMS: atom_id res chain seq x y z
N LYS A 5 -11.38 1.67 9.11
CA LYS A 5 -9.97 1.34 8.88
C LYS A 5 -9.25 2.06 7.70
N LEU A 6 -9.67 1.93 6.44
CA LEU A 6 -10.86 1.21 5.94
C LEU A 6 -10.77 0.98 4.43
N ARG A 7 -10.73 -0.26 4.03
CA ARG A 7 -10.83 -0.61 2.62
C ARG A 7 -12.31 -0.71 2.27
N LYS A 8 -12.60 -0.68 0.97
CA LYS A 8 -13.94 -1.00 0.52
C LYS A 8 -14.06 -2.51 0.62
N ARG A 9 -15.15 -3.02 1.17
CA ARG A 9 -15.22 -4.47 1.33
C ARG A 9 -15.30 -5.18 -0.02
N LEU A 10 -14.78 -6.41 -0.06
CA LEU A 10 -14.50 -7.08 -1.31
C LEU A 10 -15.74 -7.39 -2.13
N GLY A 11 -16.81 -7.85 -1.48
CA GLY A 11 -18.04 -8.15 -2.20
C GLY A 11 -18.57 -6.96 -2.98
N ASP A 12 -18.75 -5.83 -2.29
CA ASP A 12 -19.24 -4.61 -2.92
C ASP A 12 -18.32 -4.17 -4.05
N LEU A 13 -17.02 -4.31 -3.87
CA LEU A 13 -16.06 -3.95 -4.92
C LEU A 13 -16.30 -4.79 -6.17
N LEU A 14 -16.42 -6.10 -5.98
CA LEU A 14 -16.61 -7.02 -7.09
C LEU A 14 -17.94 -6.81 -7.80
N VAL A 15 -18.98 -6.45 -7.06
CA VAL A 15 -20.28 -6.20 -7.67
C VAL A 15 -20.24 -4.91 -8.46
N GLU A 16 -19.69 -3.86 -7.85
CA GLU A 16 -19.64 -2.55 -8.50
C GLU A 16 -18.81 -2.58 -9.77
N GLU A 17 -17.77 -3.40 -9.80
CA GLU A 17 -16.92 -3.45 -10.99
C GLU A 17 -17.36 -4.52 -11.99
N GLY A 18 -18.52 -5.11 -11.73
CA GLY A 18 -19.19 -5.99 -12.66
C GLY A 18 -18.55 -7.35 -12.81
N ILE A 19 -17.93 -7.81 -11.71
CA ILE A 19 -17.21 -9.08 -11.72
C ILE A 19 -18.11 -10.20 -11.24
N VAL A 20 -18.81 -9.96 -10.13
CA VAL A 20 -19.79 -10.92 -9.63
C VAL A 20 -21.14 -10.22 -9.46
N SER A 21 -22.22 -10.99 -9.45
CA SER A 21 -23.55 -10.39 -9.35
C SER A 21 -24.03 -10.29 -7.90
N GLU A 22 -25.05 -9.48 -7.66
CA GLU A 22 -25.60 -9.32 -6.32
C GLU A 22 -26.08 -10.64 -5.72
N ALA A 23 -26.80 -11.44 -6.50
CA ALA A 23 -27.31 -12.70 -5.99
C ALA A 23 -26.18 -13.69 -5.66
N GLN A 24 -25.13 -13.66 -6.46
CA GLN A 24 -23.98 -14.53 -6.25
C GLN A 24 -23.22 -14.14 -4.99
N LEU A 25 -23.13 -12.83 -4.75
CA LEU A 25 -22.52 -12.35 -3.52
C LEU A 25 -23.30 -12.85 -2.31
N GLU A 26 -24.62 -12.69 -2.34
CA GLU A 26 -25.46 -13.13 -1.24
C GLU A 26 -25.31 -14.64 -1.03
N GLN A 27 -25.28 -15.38 -2.13
CA GLN A 27 -25.08 -16.82 -2.08
C GLN A 27 -23.76 -17.18 -1.41
N ALA A 28 -22.69 -16.49 -1.78
CA ALA A 28 -21.37 -16.78 -1.22
C ALA A 28 -21.27 -16.40 0.25
N LEU A 29 -21.87 -15.28 0.64
CA LEU A 29 -21.86 -14.86 2.04
C LEU A 29 -22.58 -15.89 2.90
N ASN A 30 -23.70 -16.40 2.40
CA ASN A 30 -24.44 -17.46 3.09
C ASN A 30 -23.59 -18.72 3.23
N ALA A 31 -22.92 -19.08 2.14
CA ALA A 31 -22.15 -20.32 2.05
C ALA A 31 -20.84 -20.31 2.84
N GLN A 32 -20.28 -19.12 3.02
CA GLN A 32 -18.99 -18.97 3.69
C GLN A 32 -19.08 -19.24 5.19
N LYS A 33 -20.25 -19.00 5.77
CA LYS A 33 -20.43 -19.07 7.22
C LYS A 33 -19.90 -20.35 7.85
N ASN A 34 -19.01 -20.17 8.83
CA ASN A 34 -18.35 -21.23 9.60
C ASN A 34 -17.59 -22.30 8.82
N THR A 35 -17.21 -22.00 7.59
CA THR A 35 -16.42 -22.92 6.78
C THR A 35 -14.93 -22.66 6.94
N GLY A 36 -14.60 -21.53 7.54
CA GLY A 36 -13.20 -21.17 7.73
C GLY A 36 -12.61 -20.55 6.47
N ARG A 37 -13.44 -20.39 5.45
CA ARG A 37 -12.98 -19.87 4.16
C ARG A 37 -13.34 -18.39 3.99
N ARG A 38 -12.43 -17.65 3.38
CA ARG A 38 -12.71 -16.24 3.10
C ARG A 38 -13.64 -16.09 1.89
N LEU A 39 -14.13 -14.87 1.69
CA LEU A 39 -15.15 -14.64 0.68
C LEU A 39 -14.68 -14.89 -0.74
N GLY A 40 -13.49 -14.43 -1.08
CA GLY A 40 -12.95 -14.60 -2.42
C GLY A 40 -12.85 -16.07 -2.78
N ASP A 41 -12.26 -16.86 -1.89
CA ASP A 41 -12.12 -18.30 -2.11
C ASP A 41 -13.49 -18.99 -2.20
N THR A 42 -14.48 -18.48 -1.48
CA THR A 42 -15.85 -19.01 -1.58
C THR A 42 -16.45 -18.72 -2.96
N LEU A 43 -16.30 -17.49 -3.43
CA LEU A 43 -16.71 -17.12 -4.77
C LEU A 43 -16.02 -17.95 -5.85
N ILE A 44 -14.73 -18.23 -5.66
CA ILE A 44 -13.99 -19.09 -6.61
C ILE A 44 -14.52 -20.52 -6.59
N SER A 45 -14.77 -21.04 -5.40
CA SER A 45 -15.31 -22.39 -5.26
C SER A 45 -16.66 -22.54 -5.97
N LEU A 46 -17.45 -21.48 -5.95
CA LEU A 46 -18.77 -21.49 -6.58
C LEU A 46 -18.69 -21.21 -8.08
N GLY A 47 -17.51 -20.84 -8.56
CA GLY A 47 -17.29 -20.65 -9.99
C GLY A 47 -17.63 -19.26 -10.49
N PHE A 48 -17.81 -18.32 -9.57
CA PHE A 48 -18.22 -16.97 -9.92
C PHE A 48 -17.02 -16.04 -10.16
N LEU A 49 -15.86 -16.49 -9.73
CA LEU A 49 -14.65 -15.69 -9.71
C LEU A 49 -13.48 -16.63 -9.99
N SER A 50 -12.43 -16.10 -10.64
CA SER A 50 -11.20 -16.88 -10.85
C SER A 50 -10.08 -16.42 -9.90
N GLU A 51 -9.03 -17.23 -9.82
CA GLU A 51 -7.87 -16.87 -9.00
C GLU A 51 -7.21 -15.57 -9.46
N THR A 52 -7.11 -15.39 -10.77
CA THR A 52 -6.50 -14.20 -11.32
C THR A 52 -7.33 -12.97 -11.00
N GLN A 53 -8.65 -13.09 -11.15
CA GLN A 53 -9.55 -12.00 -10.79
C GLN A 53 -9.44 -11.63 -9.32
N LEU A 54 -9.42 -12.62 -8.46
CA LEU A 54 -9.24 -12.36 -7.03
C LEU A 54 -7.95 -11.62 -6.74
N LEU A 55 -6.85 -12.07 -7.34
CA LEU A 55 -5.54 -11.42 -7.21
C LEU A 55 -5.63 -9.94 -7.59
N ASN A 56 -6.21 -9.67 -8.76
CA ASN A 56 -6.29 -8.31 -9.27
C ASN A 56 -7.16 -7.40 -8.41
N PHE A 57 -8.27 -7.92 -7.91
CA PHE A 57 -9.17 -7.09 -7.12
C PHE A 57 -8.79 -6.95 -5.65
N LEU A 58 -8.09 -7.94 -5.09
CA LEU A 58 -7.45 -7.75 -3.79
C LEU A 58 -6.42 -6.62 -3.90
N ALA A 59 -5.65 -6.63 -4.99
CA ALA A 59 -4.68 -5.57 -5.22
C ALA A 59 -5.36 -4.20 -5.28
N GLN A 60 -6.46 -4.10 -6.01
CA GLN A 60 -7.20 -2.85 -6.07
C GLN A 60 -7.74 -2.45 -4.68
N GLN A 61 -8.35 -3.40 -4.00
CA GLN A 61 -8.88 -3.15 -2.66
C GLN A 61 -7.84 -2.61 -1.68
N LEU A 62 -6.65 -3.21 -1.70
CA LEU A 62 -5.59 -2.87 -0.76
C LEU A 62 -4.66 -1.76 -1.26
N SER A 63 -4.96 -1.24 -2.45
CA SER A 63 -4.19 -0.18 -3.10
C SER A 63 -2.71 -0.53 -3.23
N LEU A 64 -2.44 -1.67 -3.87
CA LEU A 64 -1.07 -2.10 -4.07
C LEU A 64 -0.97 -2.74 -5.44
N PRO A 65 0.26 -2.88 -5.95
CA PRO A 65 0.36 -3.48 -7.28
C PRO A 65 0.51 -4.99 -7.26
N VAL A 66 0.05 -5.62 -8.34
CA VAL A 66 0.37 -7.00 -8.65
C VAL A 66 1.71 -7.01 -9.37
N ILE A 67 2.62 -7.90 -8.98
CA ILE A 67 3.85 -8.05 -9.75
C ILE A 67 3.91 -9.42 -10.42
N ASP A 68 4.64 -9.47 -11.52
CA ASP A 68 5.01 -10.74 -12.12
C ASP A 68 6.36 -11.13 -11.55
N LEU A 69 6.34 -11.92 -10.49
CA LEU A 69 7.55 -12.25 -9.78
C LEU A 69 8.51 -13.14 -10.59
N SER A 70 7.98 -13.78 -11.64
CA SER A 70 8.82 -14.60 -12.51
C SER A 70 9.76 -13.75 -13.38
N ARG A 71 9.46 -12.46 -13.48
CA ARG A 71 10.24 -11.57 -14.32
C ARG A 71 10.69 -10.33 -13.58
N ALA A 72 10.17 -10.15 -12.38
CA ALA A 72 10.41 -8.91 -11.66
C ALA A 72 11.86 -8.76 -11.19
N HIS A 73 12.29 -7.52 -11.04
CA HIS A 73 13.54 -7.20 -10.40
C HIS A 73 13.48 -7.68 -8.95
N VAL A 74 14.48 -8.44 -8.57
CA VAL A 74 14.61 -8.86 -7.19
C VAL A 74 16.04 -8.62 -6.76
N ASP A 75 16.20 -7.87 -5.68
CA ASP A 75 17.51 -7.70 -5.10
C ASP A 75 17.86 -8.98 -4.34
N ILE A 76 18.61 -9.84 -5.01
CA ILE A 76 18.94 -11.17 -4.47
C ILE A 76 19.74 -11.08 -3.16
N ASP A 77 20.36 -9.93 -2.92
CA ASP A 77 21.04 -9.65 -1.65
C ASP A 77 20.09 -9.26 -0.52
N ALA A 78 18.87 -8.87 -0.87
CA ALA A 78 17.92 -8.43 0.13
C ALA A 78 17.10 -9.63 0.62
N VAL A 79 16.97 -10.63 -0.23
CA VAL A 79 16.20 -11.83 0.08
C VAL A 79 16.54 -12.44 1.46
N PRO A 80 17.84 -12.69 1.73
CA PRO A 80 18.20 -13.34 3.00
C PRO A 80 17.84 -12.62 4.30
N LEU A 81 17.45 -11.36 4.24
CA LEU A 81 17.06 -10.61 5.44
C LEU A 81 15.92 -11.30 6.20
N LEU A 82 15.08 -12.02 5.45
CA LEU A 82 14.07 -12.87 6.06
C LEU A 82 14.53 -14.30 5.90
N PRO A 83 14.76 -15.02 7.02
CA PRO A 83 15.21 -16.40 6.88
C PRO A 83 14.20 -17.26 6.11
N GLU A 84 14.69 -18.24 5.39
CA GLU A 84 13.85 -19.07 4.54
C GLU A 84 12.66 -19.68 5.27
N VAL A 85 12.87 -20.19 6.49
CA VAL A 85 11.76 -20.82 7.19
C VAL A 85 10.62 -19.84 7.45
N HIS A 86 10.95 -18.58 7.70
CA HIS A 86 9.92 -17.58 7.94
C HIS A 86 9.27 -17.09 6.64
N ALA A 87 10.09 -16.91 5.61
CA ALA A 87 9.57 -16.54 4.29
C ALA A 87 8.55 -17.57 3.82
N ARG A 88 8.87 -18.85 3.93
CA ARG A 88 7.96 -19.91 3.52
C ARG A 88 6.71 -19.96 4.39
N ARG A 89 6.85 -19.83 5.71
CA ARG A 89 5.69 -19.86 6.61
C ARG A 89 4.71 -18.74 6.30
N LEU A 90 5.25 -17.55 6.05
CA LEU A 90 4.47 -16.32 5.91
C LEU A 90 4.09 -16.04 4.47
N ARG A 91 4.58 -16.87 3.55
CA ARG A 91 4.42 -16.65 2.11
C ARG A 91 4.77 -15.21 1.74
N ALA A 92 6.00 -14.82 2.09
CA ALA A 92 6.50 -13.46 1.93
C ALA A 92 7.93 -13.52 1.46
N LEU A 93 8.28 -12.67 0.51
CA LEU A 93 9.64 -12.60 -0.03
C LEU A 93 10.11 -11.16 -0.07
N VAL A 94 11.26 -10.90 0.56
CA VAL A 94 11.87 -9.58 0.49
C VAL A 94 12.56 -9.43 -0.86
N ILE A 95 12.08 -8.50 -1.67
CA ILE A 95 12.61 -8.32 -3.03
C ILE A 95 13.36 -7.01 -3.22
N GLY A 96 13.30 -6.15 -2.23
CA GLY A 96 14.04 -4.89 -2.30
C GLY A 96 14.40 -4.40 -0.93
N ARG A 97 15.56 -3.76 -0.83
CA ARG A 97 15.92 -3.04 0.38
C ARG A 97 16.57 -1.71 0.01
N SER A 98 16.14 -0.65 0.66
CA SER A 98 16.75 0.66 0.46
C SER A 98 16.62 1.45 1.75
N GLY A 99 17.73 1.78 2.39
CA GLY A 99 17.67 2.39 3.70
C GLY A 99 16.98 1.42 4.64
N ASP A 100 16.03 1.92 5.43
CA ASP A 100 15.29 1.05 6.34
C ASP A 100 13.95 0.62 5.75
N THR A 101 13.84 0.60 4.42
CA THR A 101 12.58 0.20 3.78
C THR A 101 12.78 -1.08 2.98
N LEU A 102 11.88 -2.04 3.18
CA LEU A 102 11.88 -3.29 2.43
C LEU A 102 10.66 -3.32 1.54
N ARG A 103 10.85 -3.80 0.32
CA ARG A 103 9.72 -4.14 -0.52
C ARG A 103 9.50 -5.63 -0.35
N ILE A 104 8.27 -6.00 -0.02
CA ILE A 104 7.95 -7.39 0.28
C ILE A 104 6.78 -7.87 -0.56
N ALA A 105 7.03 -8.93 -1.32
CA ALA A 105 5.96 -9.59 -2.08
C ALA A 105 5.27 -10.63 -1.21
N SER A 107 1.75 -13.43 -0.94
CA SER A 107 0.63 -14.06 -1.62
C SER A 107 -0.67 -13.55 -1.01
N ASP A 108 -0.63 -13.21 0.27
CA ASP A 108 -1.82 -12.67 0.94
C ASP A 108 -1.50 -11.47 1.83
N PRO A 109 -1.43 -10.27 1.23
CA PRO A 109 -1.14 -9.08 2.03
C PRO A 109 -2.31 -8.70 2.95
N ALA A 110 -3.46 -9.31 2.77
CA ALA A 110 -4.62 -9.13 3.66
C ALA A 110 -4.51 -10.00 4.93
N ASP A 111 -3.50 -10.85 4.98
CA ASP A 111 -3.30 -11.75 6.13
C ASP A 111 -2.62 -11.00 7.27
N LEU A 112 -3.44 -10.46 8.17
CA LEU A 112 -2.92 -9.63 9.25
C LEU A 112 -2.20 -10.43 10.31
N PHE A 113 -2.57 -11.70 10.47
CA PHE A 113 -1.85 -12.60 11.35
C PHE A 113 -0.42 -12.75 10.84
N ALA A 114 -0.27 -12.99 9.53
CA ALA A 114 1.06 -13.07 8.92
C ALA A 114 1.80 -11.74 8.97
N GLN A 115 1.08 -10.64 8.77
CA GLN A 115 1.69 -9.31 8.81
C GLN A 115 2.31 -9.02 10.17
N GLU A 116 1.59 -9.37 11.22
CA GLU A 116 2.09 -9.17 12.57
C GLU A 116 3.38 -9.94 12.77
N ALA A 117 3.40 -11.17 12.27
CA ALA A 117 4.58 -12.02 12.33
C ALA A 117 5.75 -11.40 11.58
N LEU A 118 5.48 -10.93 10.37
CA LEU A 118 6.51 -10.31 9.55
C LEU A 118 7.12 -9.10 10.26
N LEU A 119 6.26 -8.28 10.87
CA LEU A 119 6.69 -7.10 11.61
C LEU A 119 7.63 -7.42 12.76
N ASN A 120 7.31 -8.46 13.51
CA ASN A 120 8.15 -8.82 14.64
C ASN A 120 9.45 -9.49 14.19
N GLN A 121 9.42 -10.07 12.99
CA GLN A 121 10.57 -10.80 12.44
C GLN A 121 11.57 -9.89 11.74
N LEU A 122 11.10 -8.77 11.21
CA LEU A 122 11.96 -7.82 10.53
C LEU A 122 11.86 -6.45 11.19
N PRO A 123 12.14 -6.37 12.51
CA PRO A 123 11.93 -5.09 13.20
C PRO A 123 12.92 -4.02 12.70
N ASP A 124 12.57 -2.76 12.90
CA ASP A 124 13.35 -1.63 12.38
C ASP A 124 13.58 -1.63 10.86
N TYR A 125 12.79 -2.41 10.14
CA TYR A 125 12.57 -2.14 8.73
C TYR A 125 11.10 -1.85 8.60
N GLY A 126 10.75 -0.87 7.76
CA GLY A 126 9.38 -0.62 7.38
C GLY A 126 9.15 -1.32 6.05
N PHE A 127 7.89 -1.47 5.65
CA PHE A 127 7.55 -2.31 4.48
C PHE A 127 6.74 -1.59 3.42
N GLU A 128 7.03 -1.93 2.16
CA GLU A 128 6.11 -1.66 1.07
C GLU A 128 5.64 -3.02 0.57
N PHE A 129 4.33 -3.22 0.47
CA PHE A 129 3.79 -4.52 0.07
C PHE A 129 3.35 -4.56 -1.39
N VAL A 130 3.59 -5.70 -2.02
CA VAL A 130 3.06 -5.99 -3.35
C VAL A 130 2.52 -7.41 -3.31
N ILE A 131 1.61 -7.72 -4.21
CA ILE A 131 1.03 -9.06 -4.27
C ILE A 131 1.56 -9.84 -5.47
N ALA A 132 1.78 -11.14 -5.27
CA ALA A 132 2.17 -12.03 -6.37
C ALA A 132 1.41 -13.34 -6.21
N PRO A 133 1.20 -14.07 -7.31
CA PRO A 133 0.61 -15.40 -7.17
C PRO A 133 1.44 -16.33 -6.30
N GLU A 134 0.76 -17.17 -5.52
CA GLU A 134 1.45 -18.07 -4.59
C GLU A 134 2.43 -18.98 -5.30
N LYS A 135 2.07 -19.45 -6.49
CA LYS A 135 2.97 -20.34 -7.25
C LYS A 135 4.28 -19.61 -7.55
N GLN A 136 4.18 -18.33 -7.91
CA GLN A 136 5.38 -17.55 -8.18
C GLN A 136 6.24 -17.29 -6.96
N LEU A 137 5.60 -17.09 -5.80
CA LEU A 137 6.31 -16.94 -4.53
C LEU A 137 7.12 -18.19 -4.23
N VAL A 138 6.49 -19.35 -4.35
CA VAL A 138 7.16 -20.61 -4.04
C VAL A 138 8.32 -20.87 -5.00
N ASP A 139 8.11 -20.59 -6.29
CA ASP A 139 9.21 -20.68 -7.25
C ASP A 139 10.34 -19.72 -6.83
N GLY A 140 9.97 -18.54 -6.33
CA GLY A 140 10.95 -17.58 -5.86
C GLY A 140 11.76 -18.13 -4.69
N PHE A 141 11.10 -18.74 -3.71
CA PHE A 141 11.80 -19.37 -2.58
C PHE A 141 12.84 -20.38 -3.06
N ASP A 142 12.47 -21.16 -4.08
CA ASP A 142 13.34 -22.21 -4.60
C ASP A 142 14.54 -21.62 -5.34
N ARG A 143 14.31 -20.42 -5.89
CA ARG A 143 15.25 -19.73 -6.76
C ARG A 143 16.26 -18.90 -5.97
N TYR A 144 15.79 -18.24 -4.92
CA TYR A 144 16.57 -17.24 -4.22
C TYR A 144 17.20 -17.70 -2.91
N TYR A 145 16.77 -18.84 -2.39
CA TYR A 145 17.39 -19.40 -1.20
C TYR A 145 18.26 -20.60 -1.60
N ARG B 7 -12.72 5.92 -5.24
CA ARG B 7 -11.71 6.90 -5.65
C ARG B 7 -11.17 6.56 -7.05
N LYS B 8 -10.92 7.61 -7.84
CA LYS B 8 -10.34 7.45 -9.17
C LYS B 8 -8.90 6.99 -9.03
N ARG B 9 -8.45 6.07 -9.88
CA ARG B 9 -7.06 5.62 -9.84
C ARG B 9 -6.13 6.70 -10.39
N LEU B 10 -4.90 6.71 -9.90
CA LEU B 10 -3.99 7.81 -10.22
C LEU B 10 -3.64 7.87 -11.71
N GLY B 11 -3.40 6.73 -12.33
CA GLY B 11 -3.10 6.71 -13.75
C GLY B 11 -4.24 7.28 -14.59
N ASP B 12 -5.45 6.82 -14.31
CA ASP B 12 -6.63 7.35 -15.01
C ASP B 12 -6.80 8.84 -14.78
N LEU B 13 -6.52 9.31 -13.57
CA LEU B 13 -6.62 10.74 -13.29
C LEU B 13 -5.59 11.51 -14.14
N LEU B 14 -4.36 11.02 -14.15
CA LEU B 14 -3.30 11.72 -14.90
C LEU B 14 -3.61 11.76 -16.40
N VAL B 15 -4.20 10.68 -16.92
CA VAL B 15 -4.63 10.67 -18.31
C VAL B 15 -5.77 11.67 -18.55
N GLU B 16 -6.76 11.67 -17.68
CA GLU B 16 -7.90 12.57 -17.85
C GLU B 16 -7.46 14.03 -17.79
N GLU B 17 -6.45 14.31 -16.98
CA GLU B 17 -5.92 15.67 -16.81
C GLU B 17 -4.89 16.06 -17.88
N GLY B 18 -4.62 15.12 -18.80
CA GLY B 18 -3.67 15.35 -19.87
C GLY B 18 -2.20 15.38 -19.48
N ILE B 19 -1.88 14.86 -18.31
CA ILE B 19 -0.50 14.95 -17.83
C ILE B 19 0.38 13.86 -18.45
N VAL B 20 -0.19 12.67 -18.66
CA VAL B 20 0.48 11.58 -19.36
C VAL B 20 -0.49 11.06 -20.40
N SER B 21 0.03 10.44 -21.45
CA SER B 21 -0.84 9.85 -22.47
C SER B 21 -1.22 8.42 -22.07
N GLU B 22 -2.22 7.87 -22.74
CA GLU B 22 -2.60 6.49 -22.49
C GLU B 22 -1.45 5.51 -22.71
N ALA B 23 -0.64 5.77 -23.74
CA ALA B 23 0.48 4.90 -24.07
C ALA B 23 1.54 4.98 -22.97
N GLN B 24 1.79 6.20 -22.48
CA GLN B 24 2.74 6.39 -21.39
C GLN B 24 2.28 5.67 -20.13
N LEU B 25 0.98 5.74 -19.84
CA LEU B 25 0.44 5.05 -18.67
C LEU B 25 0.59 3.54 -18.79
N GLU B 26 0.29 3.01 -19.97
CA GLU B 26 0.44 1.58 -20.20
C GLU B 26 1.89 1.13 -20.05
N GLN B 27 2.83 1.92 -20.57
CA GLN B 27 4.24 1.60 -20.39
C GLN B 27 4.63 1.57 -18.91
N ALA B 28 4.12 2.51 -18.13
CA ALA B 28 4.43 2.54 -16.71
C ALA B 28 3.79 1.38 -15.97
N LEU B 29 2.55 1.03 -16.33
CA LEU B 29 1.89 -0.10 -15.67
C LEU B 29 2.64 -1.39 -15.96
N ASN B 30 3.10 -1.55 -17.19
CA ASN B 30 3.90 -2.72 -17.53
C ASN B 30 5.22 -2.75 -16.77
N ALA B 31 5.86 -1.60 -16.65
CA ALA B 31 7.13 -1.53 -15.95
C ALA B 31 6.94 -1.87 -14.48
N GLN B 32 5.84 -1.39 -13.92
CA GLN B 32 5.54 -1.61 -12.51
C GLN B 32 5.32 -3.09 -12.19
N LYS B 33 4.75 -3.82 -13.14
CA LYS B 33 4.54 -5.26 -12.96
C LYS B 33 5.88 -5.96 -12.74
N ASN B 34 6.96 -5.35 -13.24
CA ASN B 34 8.29 -5.92 -13.07
C ASN B 34 9.13 -5.29 -11.95
N THR B 35 8.56 -4.41 -11.14
CA THR B 35 9.33 -3.83 -10.04
C THR B 35 8.55 -3.77 -8.74
N GLY B 36 7.26 -3.46 -8.82
CA GLY B 36 6.48 -3.22 -7.62
C GLY B 36 6.62 -1.83 -7.05
N ARG B 37 7.39 -0.96 -7.71
CA ARG B 37 7.46 0.44 -7.29
C ARG B 37 6.11 1.10 -7.50
N ARG B 38 5.87 2.22 -6.81
CA ARG B 38 4.63 2.95 -7.01
C ARG B 38 4.51 3.47 -8.44
N LEU B 39 3.26 3.64 -8.89
CA LEU B 39 3.04 4.07 -10.26
C LEU B 39 3.59 5.48 -10.53
N GLY B 40 3.41 6.40 -9.59
CA GLY B 40 3.91 7.75 -9.79
C GLY B 40 5.42 7.76 -9.92
N ASP B 41 6.09 7.05 -9.02
CA ASP B 41 7.54 6.90 -9.04
C ASP B 41 8.00 6.29 -10.35
N THR B 42 7.24 5.33 -10.86
CA THR B 42 7.56 4.69 -12.14
C THR B 42 7.46 5.69 -13.29
N LEU B 43 6.38 6.49 -13.29
CA LEU B 43 6.21 7.51 -14.32
C LEU B 43 7.34 8.53 -14.29
N ILE B 44 7.82 8.85 -13.09
CA ILE B 44 8.93 9.79 -12.96
C ILE B 44 10.20 9.17 -13.53
N SER B 45 10.44 7.89 -13.22
CA SER B 45 11.61 7.18 -13.76
C SER B 45 11.62 7.20 -15.28
N LEU B 46 10.45 7.00 -15.89
CA LEU B 46 10.33 6.95 -17.35
C LEU B 46 10.42 8.30 -18.02
N GLY B 47 10.40 9.38 -17.22
CA GLY B 47 10.46 10.73 -17.76
C GLY B 47 9.12 11.32 -18.15
N PHE B 48 8.03 10.74 -17.66
CA PHE B 48 6.68 11.14 -18.11
C PHE B 48 5.94 12.01 -17.09
N LEU B 49 6.51 12.16 -15.90
CA LEU B 49 5.84 12.85 -14.80
C LEU B 49 6.92 13.53 -13.97
N SER B 50 6.63 14.70 -13.42
CA SER B 50 7.57 15.36 -12.50
C SER B 50 7.21 15.12 -11.03
N GLU B 51 8.17 15.35 -10.15
CA GLU B 51 7.90 15.16 -8.73
C GLU B 51 6.84 16.14 -8.22
N THR B 52 6.86 17.37 -8.73
CA THR B 52 5.89 18.36 -8.31
C THR B 52 4.48 17.98 -8.78
N GLN B 53 4.39 17.48 -10.01
CA GLN B 53 3.11 17.01 -10.54
C GLN B 53 2.58 15.84 -9.72
N LEU B 54 3.45 14.90 -9.39
CA LEU B 54 3.03 13.77 -8.58
C LEU B 54 2.39 14.22 -7.26
N LEU B 55 3.03 15.14 -6.55
CA LEU B 55 2.51 15.64 -5.28
C LEU B 55 1.15 16.30 -5.48
N ASN B 56 1.03 17.15 -6.50
CA ASN B 56 -0.18 17.91 -6.74
C ASN B 56 -1.36 17.04 -7.18
N PHE B 57 -1.07 16.03 -8.01
CA PHE B 57 -2.14 15.18 -8.52
C PHE B 57 -2.55 14.10 -7.54
N LEU B 58 -1.62 13.67 -6.69
CA LEU B 58 -1.99 12.83 -5.55
C LEU B 58 -2.95 13.59 -4.63
N ALA B 59 -2.62 14.86 -4.38
CA ALA B 59 -3.47 15.71 -3.56
C ALA B 59 -4.85 15.83 -4.19
N GLN B 60 -4.90 15.98 -5.51
CA GLN B 60 -6.18 16.03 -6.19
C GLN B 60 -6.94 14.73 -6.09
N GLN B 61 -6.25 13.61 -6.29
CA GLN B 61 -6.88 12.31 -6.23
C GLN B 61 -7.51 12.04 -4.86
N LEU B 62 -6.78 12.40 -3.81
CA LEU B 62 -7.19 12.09 -2.44
C LEU B 62 -7.99 13.22 -1.78
N SER B 63 -8.09 14.36 -2.46
CA SER B 63 -8.78 15.55 -1.92
C SER B 63 -8.12 16.02 -0.63
N LEU B 64 -6.79 16.13 -0.65
CA LEU B 64 -6.01 16.60 0.49
C LEU B 64 -5.16 17.78 0.04
N PRO B 65 -4.91 18.71 0.96
CA PRO B 65 -3.99 19.82 0.64
C PRO B 65 -2.54 19.36 0.58
N VAL B 66 -1.77 19.98 -0.31
CA VAL B 66 -0.31 19.87 -0.28
C VAL B 66 0.22 20.88 0.73
N ILE B 67 1.26 20.50 1.47
CA ILE B 67 1.93 21.43 2.37
C ILE B 67 3.43 21.47 2.10
N ASP B 68 4.01 22.66 2.25
CA ASP B 68 5.45 22.83 2.31
C ASP B 68 5.83 22.87 3.79
N LEU B 69 6.25 21.73 4.32
CA LEU B 69 6.60 21.64 5.74
C LEU B 69 7.81 22.50 6.08
N SER B 70 8.67 22.74 5.11
CA SER B 70 9.87 23.55 5.31
C SER B 70 9.52 24.98 5.72
N ARG B 71 8.33 25.44 5.35
CA ARG B 71 7.90 26.78 5.72
C ARG B 71 6.69 26.79 6.64
N ALA B 72 6.15 25.61 6.94
CA ALA B 72 4.98 25.52 7.83
C ALA B 72 5.38 25.80 9.27
N HIS B 73 4.43 26.31 10.05
CA HIS B 73 4.64 26.46 11.48
C HIS B 73 3.98 25.30 12.23
N VAL B 74 4.84 24.37 12.63
CA VAL B 74 4.44 23.14 13.26
C VAL B 74 4.21 23.37 14.75
N ASP B 75 3.13 22.81 15.26
CA ASP B 75 2.83 22.83 16.69
C ASP B 75 3.70 21.79 17.37
N ILE B 76 4.69 22.26 18.12
CA ILE B 76 5.68 21.36 18.72
C ILE B 76 5.12 20.58 19.92
N ASP B 77 3.94 20.97 20.38
CA ASP B 77 3.26 20.19 21.42
C ASP B 77 2.28 19.18 20.83
N ALA B 78 2.04 19.27 19.51
CA ALA B 78 1.24 18.26 18.82
C ALA B 78 2.10 17.09 18.35
N VAL B 79 3.30 17.39 17.84
CA VAL B 79 4.25 16.36 17.43
C VAL B 79 4.37 15.16 18.38
N PRO B 80 4.58 15.38 19.71
CA PRO B 80 4.81 14.23 20.59
C PRO B 80 3.61 13.30 20.76
N LEU B 81 2.42 13.69 20.31
CA LEU B 81 1.26 12.82 20.45
C LEU B 81 1.48 11.48 19.72
N LEU B 82 2.30 11.51 18.68
CA LEU B 82 2.73 10.29 18.00
C LEU B 82 4.19 10.06 18.34
N PRO B 83 4.49 9.03 19.15
CA PRO B 83 5.88 8.73 19.48
C PRO B 83 6.75 8.57 18.23
N GLU B 84 8.00 9.00 18.37
CA GLU B 84 8.95 9.00 17.26
C GLU B 84 9.04 7.66 16.52
N VAL B 85 9.10 6.55 17.25
CA VAL B 85 9.27 5.26 16.57
C VAL B 85 8.14 4.99 15.59
N HIS B 86 6.93 5.37 15.97
CA HIS B 86 5.78 5.19 15.08
C HIS B 86 5.73 6.21 13.95
N ALA B 87 6.03 7.47 14.27
CA ALA B 87 6.08 8.52 13.25
C ALA B 87 7.03 8.16 12.12
N ARG B 88 8.24 7.73 12.48
CA ARG B 88 9.23 7.37 11.48
C ARG B 88 8.83 6.15 10.65
N ARG B 89 8.23 5.17 11.32
CA ARG B 89 7.80 3.95 10.65
C ARG B 89 6.66 4.22 9.67
N LEU B 90 5.72 5.06 10.10
CA LEU B 90 4.51 5.30 9.31
C LEU B 90 4.66 6.43 8.30
N ARG B 91 5.76 7.17 8.38
CA ARG B 91 5.97 8.37 7.57
C ARG B 91 4.82 9.35 7.81
N ALA B 92 4.58 9.65 9.07
CA ALA B 92 3.50 10.55 9.47
C ALA B 92 4.00 11.49 10.57
N LEU B 93 3.62 12.75 10.48
CA LEU B 93 4.01 13.74 11.48
C LEU B 93 2.80 14.53 11.91
N VAL B 94 2.50 14.54 13.20
CA VAL B 94 1.38 15.34 13.73
C VAL B 94 1.86 16.77 13.85
N ILE B 95 1.23 17.66 13.10
CA ILE B 95 1.72 19.03 13.02
C ILE B 95 0.80 20.08 13.61
N GLY B 96 -0.39 19.66 14.03
CA GLY B 96 -1.31 20.58 14.65
C GLY B 96 -2.40 19.89 15.46
N ARG B 97 -2.94 20.58 16.47
CA ARG B 97 -4.08 20.10 17.27
C ARG B 97 -5.04 21.26 17.51
N SER B 98 -6.25 21.16 16.97
CA SER B 98 -7.31 22.13 17.25
C SER B 98 -8.50 21.35 17.79
N GLY B 99 -8.86 21.63 19.04
CA GLY B 99 -9.83 20.81 19.73
C GLY B 99 -9.25 19.42 19.83
N ASP B 100 -9.98 18.42 19.35
CA ASP B 100 -9.48 17.05 19.33
C ASP B 100 -9.18 16.57 17.91
N THR B 101 -9.05 17.52 16.99
CA THR B 101 -8.68 17.20 15.62
C THR B 101 -7.19 17.40 15.43
N LEU B 102 -6.51 16.36 14.95
CA LEU B 102 -5.09 16.44 14.65
C LEU B 102 -4.89 16.65 13.17
N ARG B 103 -3.98 17.57 12.83
CA ARG B 103 -3.53 17.73 11.45
C ARG B 103 -2.27 16.89 11.30
N ILE B 104 -2.28 15.99 10.33
CA ILE B 104 -1.20 15.03 10.16
C ILE B 104 -0.66 15.08 8.74
N ALA B 105 0.65 15.32 8.62
CA ALA B 105 1.33 15.29 7.34
C ALA B 105 1.85 13.88 7.06
N SER B 107 3.65 11.41 3.66
CA SER B 107 4.17 11.39 2.29
C SER B 107 3.49 10.31 1.43
N ASP B 108 2.90 9.32 2.10
CA ASP B 108 2.14 8.24 1.43
C ASP B 108 0.76 8.09 2.09
N PRO B 109 -0.10 9.11 1.96
CA PRO B 109 -1.40 9.06 2.63
C PRO B 109 -2.33 7.96 2.10
N ALA B 110 -2.03 7.43 0.90
CA ALA B 110 -2.81 6.34 0.33
C ALA B 110 -2.46 4.96 0.91
N ASP B 111 -1.47 4.93 1.80
CA ASP B 111 -1.00 3.70 2.43
C ASP B 111 -2.05 3.19 3.41
N LEU B 112 -2.82 2.18 3.00
CA LEU B 112 -3.89 1.64 3.83
C LEU B 112 -3.39 1.14 5.17
N PHE B 113 -2.27 0.44 5.17
CA PHE B 113 -1.82 -0.14 6.42
C PHE B 113 -1.29 0.90 7.40
N ALA B 114 -0.66 1.95 6.87
CA ALA B 114 -0.29 3.09 7.70
C ALA B 114 -1.52 3.79 8.28
N GLN B 115 -2.58 3.93 7.48
CA GLN B 115 -3.81 4.54 7.96
C GLN B 115 -4.41 3.73 9.11
N GLU B 116 -4.41 2.42 8.95
CA GLU B 116 -4.89 1.52 10.01
C GLU B 116 -4.04 1.63 11.27
N ALA B 117 -2.73 1.73 11.10
CA ALA B 117 -1.82 1.87 12.24
C ALA B 117 -2.04 3.20 12.97
N LEU B 118 -2.18 4.28 12.22
CA LEU B 118 -2.41 5.60 12.81
C LEU B 118 -3.67 5.61 13.67
N LEU B 119 -4.74 4.99 13.18
CA LEU B 119 -5.96 4.86 13.97
C LEU B 119 -5.70 4.13 15.29
N ASN B 120 -4.87 3.10 15.25
CA ASN B 120 -4.53 2.37 16.45
C ASN B 120 -3.67 3.16 17.42
N GLN B 121 -2.73 3.94 16.88
CA GLN B 121 -1.82 4.73 17.70
C GLN B 121 -2.41 6.05 18.22
N LEU B 122 -3.41 6.60 17.52
CA LEU B 122 -4.00 7.89 17.91
C LEU B 122 -5.52 7.77 18.00
N PRO B 123 -6.02 6.89 18.86
CA PRO B 123 -7.47 6.66 18.88
C PRO B 123 -8.20 7.85 19.47
N ASP B 124 -9.45 8.04 19.05
CA ASP B 124 -10.37 9.03 19.60
C ASP B 124 -10.07 10.49 19.23
N TYR B 125 -9.17 10.69 18.27
CA TYR B 125 -8.93 12.02 17.71
C TYR B 125 -9.58 12.10 16.33
N GLY B 126 -10.04 13.30 15.98
CA GLY B 126 -10.36 13.59 14.59
C GLY B 126 -9.08 13.74 13.80
N PHE B 127 -9.11 13.37 12.51
CA PHE B 127 -7.92 13.47 11.65
C PHE B 127 -8.19 14.38 10.46
N GLU B 128 -7.24 15.27 10.18
CA GLU B 128 -7.17 16.00 8.92
C GLU B 128 -5.78 15.75 8.33
N PHE B 129 -5.71 15.35 7.07
CA PHE B 129 -4.43 15.00 6.47
C PHE B 129 -3.96 16.01 5.46
N VAL B 130 -2.65 16.15 5.37
CA VAL B 130 -2.02 16.94 4.34
C VAL B 130 -0.88 16.12 3.76
N ILE B 131 -0.52 16.37 2.51
CA ILE B 131 0.53 15.62 1.86
C ILE B 131 1.81 16.45 1.74
N ALA B 132 2.93 15.84 2.12
CA ALA B 132 4.22 16.50 2.03
C ALA B 132 5.20 15.58 1.32
N PRO B 133 6.24 16.15 0.70
CA PRO B 133 7.33 15.34 0.14
C PRO B 133 8.01 14.52 1.25
N GLU B 134 8.40 13.29 0.93
CA GLU B 134 9.04 12.43 1.92
C GLU B 134 10.29 13.08 2.51
N LYS B 135 11.04 13.80 1.69
CA LYS B 135 12.25 14.49 2.15
C LYS B 135 11.94 15.46 3.30
N GLN B 136 10.82 16.17 3.18
CA GLN B 136 10.44 17.14 4.19
C GLN B 136 9.98 16.47 5.48
N LEU B 137 9.26 15.36 5.35
CA LEU B 137 8.88 14.57 6.52
C LEU B 137 10.11 14.13 7.27
N VAL B 138 11.06 13.54 6.54
CA VAL B 138 12.28 13.02 7.13
C VAL B 138 13.07 14.10 7.86
N ASP B 139 13.18 15.28 7.26
CA ASP B 139 13.80 16.43 7.92
C ASP B 139 12.99 16.85 9.14
N GLY B 140 11.67 16.74 9.05
CA GLY B 140 10.81 17.10 10.16
C GLY B 140 11.04 16.22 11.38
N PHE B 141 11.24 14.92 11.15
CA PHE B 141 11.51 14.01 12.26
C PHE B 141 12.77 14.44 13.02
N ASP B 142 13.80 14.83 12.27
CA ASP B 142 15.04 15.28 12.88
C ASP B 142 14.85 16.60 13.62
N ARG B 143 14.00 17.46 13.07
CA ARG B 143 13.81 18.79 13.61
C ARG B 143 12.94 18.81 14.87
N TYR B 144 11.90 17.97 14.90
CA TYR B 144 10.87 18.08 15.95
C TYR B 144 10.93 17.00 17.02
N TYR B 145 11.83 16.03 16.86
CA TYR B 145 12.14 15.10 17.94
C TYR B 145 13.58 15.31 18.40
#